data_5HP8
#
_entry.id   5HP8
#
_cell.length_a   40.325
_cell.length_b   46.251
_cell.length_c   46.375
_cell.angle_alpha   111.44
_cell.angle_beta   107.74
_cell.angle_gamma   106.26
#
_symmetry.space_group_name_H-M   'P 1'
#
loop_
_entity.id
_entity.type
_entity.pdbx_description
1 polymer 'Reactive Intermediate Deaminase A, chloroplastic'
2 non-polymer 'PYRUVIC ACID'
3 water water
#
_entity_poly.entity_id   1
_entity_poly.type   'polypeptide(L)'
_entity_poly.pdbx_seq_one_letter_code
;GPHMSTEKAPAALGPYSQAIKANNLVFLSGVLGLIPETGKFVSESVEDQTEQVLKNMGEILKASGADYSSVVKTTIMLAD
LADFKTVNEIYAKYFPAPSPARSTYQVAALPLNAKIEIECIATL
;
_entity_poly.pdbx_strand_id   A,B,C
#
# COMPACT_ATOMS: atom_id res chain seq x y z
N SER A 17 3.22 15.64 5.05
CA SER A 17 2.98 15.64 6.49
C SER A 17 3.10 14.24 7.07
N GLN A 18 3.32 14.17 8.38
CA GLN A 18 3.47 12.88 9.05
C GLN A 18 2.13 12.18 9.24
N ALA A 19 1.06 12.96 9.23
CA ALA A 19 -0.29 12.41 9.40
C ALA A 19 -1.34 13.36 8.84
N ILE A 20 -2.35 12.80 8.18
CA ILE A 20 -3.45 13.61 7.65
C ILE A 20 -4.80 13.05 8.13
N LYS A 21 -5.61 13.92 8.70
CA LYS A 21 -6.93 13.54 9.19
C LYS A 21 -8.01 13.69 8.12
N ALA A 22 -8.82 12.65 7.97
CA ALA A 22 -9.97 12.68 7.08
C ALA A 22 -11.15 11.99 7.76
N ASN A 23 -12.12 12.80 8.19
CA ASN A 23 -13.29 12.30 8.93
C ASN A 23 -12.90 11.47 10.14
N ASN A 24 -13.27 10.19 10.12
CA ASN A 24 -13.03 9.30 11.24
C ASN A 24 -11.64 8.68 11.20
N LEU A 25 -10.92 8.89 10.10
CA LEU A 25 -9.63 8.24 9.91
C LEU A 25 -8.44 9.20 9.98
N VAL A 26 -7.28 8.65 10.30
CA VAL A 26 -6.02 9.37 10.18
C VAL A 26 -5.02 8.49 9.44
N PHE A 27 -4.38 9.07 8.44
CA PHE A 27 -3.42 8.36 7.59
C PHE A 27 -2.00 8.79 7.95
N LEU A 28 -1.15 7.81 8.27
CA LEU A 28 0.24 8.11 8.59
C LEU A 28 1.16 7.86 7.41
N SER A 29 2.23 8.64 7.34
CA SER A 29 3.28 8.41 6.35
C SER A 29 4.04 7.14 6.71
N GLY A 30 4.77 6.59 5.76
CA GLY A 30 5.67 5.49 6.05
C GLY A 30 6.70 5.97 7.05
N VAL A 31 6.94 5.18 8.10
CA VAL A 31 7.83 5.61 9.18
C VAL A 31 9.13 4.81 9.21
N LEU A 32 10.25 5.53 9.19
CA LEU A 32 11.57 4.92 9.28
C LEU A 32 12.11 5.03 10.71
N GLY A 33 13.10 4.23 11.04
CA GLY A 33 13.63 4.18 12.40
C GLY A 33 14.64 5.26 12.72
N LEU A 34 14.18 6.50 12.67
CA LEU A 34 15.04 7.65 12.91
C LEU A 34 14.74 8.29 14.27
N ILE A 35 15.77 8.79 14.94
CA ILE A 35 15.54 9.68 16.08
C ILE A 35 14.97 10.97 15.52
N PRO A 36 13.72 11.29 15.90
CA PRO A 36 12.95 12.40 15.32
C PRO A 36 13.72 13.70 15.22
N GLU A 37 14.42 14.09 16.27
CA GLU A 37 15.06 15.40 16.34
C GLU A 37 16.30 15.53 15.47
N THR A 38 16.99 14.42 15.21
CA THR A 38 18.27 14.47 14.51
C THR A 38 18.18 14.00 13.06
N GLY A 39 17.18 13.20 12.74
CA GLY A 39 16.98 12.71 11.40
C GLY A 39 17.88 11.53 11.07
N LYS A 40 18.62 11.03 12.06
CA LYS A 40 19.53 9.91 11.85
C LYS A 40 18.98 8.62 12.43
N PHE A 41 19.42 7.49 11.87
CA PHE A 41 18.94 6.18 12.32
C PHE A 41 19.37 5.91 13.75
N VAL A 42 18.59 5.11 14.46
CA VAL A 42 18.95 4.74 15.83
C VAL A 42 20.17 3.79 15.81
N SER A 43 20.20 2.88 14.83
CA SER A 43 21.39 2.13 14.47
C SER A 43 21.19 1.50 13.09
N GLU A 44 22.18 0.71 12.69
CA GLU A 44 22.14 0.01 11.42
C GLU A 44 21.40 -1.32 11.56
N SER A 45 20.82 -1.54 12.73
CA SER A 45 20.16 -2.82 13.06
C SER A 45 18.65 -2.81 12.84
N VAL A 46 18.10 -3.95 12.41
CA VAL A 46 16.66 -4.07 12.17
C VAL A 46 15.87 -4.09 13.47
N GLU A 47 16.48 -4.61 14.53
CA GLU A 47 15.83 -4.67 15.83
C GLU A 47 15.59 -3.26 16.37
N ASP A 48 16.68 -2.51 16.52
CA ASP A 48 16.62 -1.12 16.96
C ASP A 48 15.72 -0.28 16.08
N GLN A 49 15.88 -0.40 14.77
CA GLN A 49 15.10 0.41 13.83
C GLN A 49 13.61 0.08 13.89
N THR A 50 13.27 -1.20 14.04
CA THR A 50 11.87 -1.59 14.15
C THR A 50 11.26 -0.98 15.41
N GLU A 51 11.96 -1.16 16.54
CA GLU A 51 11.50 -0.63 17.81
C GLU A 51 11.29 0.89 17.73
N GLN A 52 12.25 1.57 17.08
CA GLN A 52 12.17 3.02 16.89
C GLN A 52 10.99 3.44 16.02
N VAL A 53 10.81 2.73 14.91
CA VAL A 53 9.66 2.95 14.03
C VAL A 53 8.39 2.92 14.84
N LEU A 54 8.24 1.88 15.65
CA LEU A 54 7.05 1.74 16.47
C LEU A 54 6.89 2.87 17.50
N LYS A 55 7.98 3.31 18.11
CA LYS A 55 7.91 4.42 19.05
C LYS A 55 7.44 5.72 18.38
N ASN A 56 8.18 6.15 17.36
CA ASN A 56 7.83 7.33 16.58
C ASN A 56 6.38 7.29 16.13
N MET A 57 6.02 6.17 15.51
CA MET A 57 4.68 5.88 15.03
C MET A 57 3.64 6.10 16.13
N GLY A 58 3.95 5.61 17.33
CA GLY A 58 3.09 5.85 18.47
C GLY A 58 2.91 7.32 18.77
N GLU A 59 4.02 8.05 18.85
CA GLU A 59 3.95 9.48 19.17
C GLU A 59 3.15 10.27 18.13
N ILE A 60 3.28 9.91 16.86
CA ILE A 60 2.52 10.56 15.80
C ILE A 60 1.03 10.25 15.94
N LEU A 61 0.72 8.98 16.19
CA LEU A 61 -0.65 8.55 16.42
C LEU A 61 -1.30 9.33 17.56
N LYS A 62 -0.62 9.42 18.69
CA LYS A 62 -1.17 10.13 19.84
C LYS A 62 -1.22 11.64 19.61
N ALA A 63 -0.32 12.15 18.76
CA ALA A 63 -0.34 13.56 18.42
C ALA A 63 -1.57 13.87 17.58
N SER A 64 -2.01 12.89 16.79
CA SER A 64 -3.21 13.05 15.98
C SER A 64 -4.49 12.76 16.76
N GLY A 65 -4.33 12.31 17.99
CA GLY A 65 -5.46 11.99 18.84
C GLY A 65 -5.89 10.55 18.66
N ALA A 66 -4.97 9.75 18.14
CA ALA A 66 -5.19 8.32 17.99
C ALA A 66 -4.25 7.56 18.91
N ASP A 67 -4.18 6.26 18.75
CA ASP A 67 -3.24 5.44 19.51
C ASP A 67 -3.07 4.07 18.85
N TYR A 68 -2.12 3.29 19.37
CA TYR A 68 -1.84 1.95 18.87
C TYR A 68 -3.11 1.10 18.75
N SER A 69 -4.00 1.25 19.72
CA SER A 69 -5.21 0.44 19.80
C SER A 69 -6.26 0.80 18.75
N SER A 70 -6.15 2.00 18.18
CA SER A 70 -7.12 2.45 17.19
C SER A 70 -6.62 2.24 15.77
N VAL A 71 -5.42 1.69 15.64
CA VAL A 71 -4.86 1.39 14.31
C VAL A 71 -5.65 0.27 13.65
N VAL A 72 -6.14 0.53 12.44
CA VAL A 72 -6.94 -0.47 11.74
C VAL A 72 -6.15 -1.17 10.64
N LYS A 73 -5.13 -0.52 10.11
CA LYS A 73 -4.36 -1.15 9.03
C LYS A 73 -2.89 -0.76 9.07
N THR A 74 -1.99 -1.73 8.87
CA THR A 74 -0.57 -1.43 8.76
C THR A 74 0.04 -2.06 7.54
N THR A 75 1.16 -1.51 7.09
CA THR A 75 1.94 -2.11 6.02
C THR A 75 3.41 -2.08 6.39
N ILE A 76 4.01 -3.28 6.47
CA ILE A 76 5.42 -3.42 6.79
C ILE A 76 6.23 -3.73 5.54
N MET A 77 7.11 -2.79 5.18
CA MET A 77 8.03 -2.96 4.08
C MET A 77 9.42 -3.27 4.63
N LEU A 78 9.96 -4.42 4.21
CA LEU A 78 11.24 -4.88 4.72
C LEU A 78 12.32 -4.90 3.64
N ALA A 79 13.57 -4.71 4.06
CA ALA A 79 14.69 -4.87 3.14
C ALA A 79 15.05 -6.34 3.03
N ASP A 80 14.70 -7.10 4.06
CA ASP A 80 15.01 -8.53 4.10
C ASP A 80 13.97 -9.28 4.93
N LEU A 81 13.35 -10.28 4.29
CA LEU A 81 12.29 -11.04 4.95
C LEU A 81 12.83 -12.07 5.93
N ALA A 82 14.16 -12.11 6.08
CA ALA A 82 14.77 -12.94 7.11
C ALA A 82 14.56 -12.27 8.46
N ASP A 83 14.40 -10.95 8.43
CA ASP A 83 14.16 -10.14 9.63
C ASP A 83 12.71 -10.27 10.09
N PHE A 84 11.87 -10.76 9.18
CA PHE A 84 10.42 -10.84 9.36
C PHE A 84 10.02 -11.53 10.67
N LYS A 85 10.82 -12.50 11.10
CA LYS A 85 10.54 -13.23 12.34
C LYS A 85 10.85 -12.37 13.56
N THR A 86 11.97 -11.68 13.52
CA THR A 86 12.34 -10.78 14.61
C THR A 86 11.36 -9.61 14.65
N VAL A 87 11.23 -8.93 13.52
CA VAL A 87 10.30 -7.81 13.36
C VAL A 87 8.94 -8.10 13.96
N ASN A 88 8.33 -9.21 13.51
CA ASN A 88 7.06 -9.69 14.04
C ASN A 88 7.01 -9.58 15.56
N GLU A 89 7.97 -10.23 16.21
CA GLU A 89 7.95 -10.34 17.67
C GLU A 89 8.13 -8.98 18.34
N ILE A 90 8.77 -8.05 17.66
CA ILE A 90 8.83 -6.69 18.19
C ILE A 90 7.44 -6.07 17.98
N TYR A 91 6.97 -6.18 16.74
CA TYR A 91 5.68 -5.64 16.33
C TYR A 91 4.57 -6.09 17.27
N ALA A 92 4.59 -7.37 17.62
CA ALA A 92 3.55 -7.97 18.47
C ALA A 92 3.45 -7.30 19.84
N LYS A 93 4.54 -6.75 20.35
CA LYS A 93 4.52 -6.10 21.65
C LYS A 93 3.79 -4.76 21.58
N TYR A 94 3.79 -4.14 20.40
CA TYR A 94 3.11 -2.87 20.21
C TYR A 94 1.70 -3.09 19.68
N PHE A 95 1.52 -4.14 18.89
CA PHE A 95 0.21 -4.51 18.37
C PHE A 95 -0.13 -5.94 18.75
N PRO A 96 -0.61 -6.13 20.00
CA PRO A 96 -1.02 -7.45 20.50
C PRO A 96 -2.33 -7.91 19.86
N ALA A 97 -2.50 -9.22 19.75
CA ALA A 97 -3.70 -9.79 19.15
C ALA A 97 -4.95 -9.47 19.96
N PRO A 98 -6.05 -9.14 19.28
CA PRO A 98 -6.17 -8.95 17.83
C PRO A 98 -5.45 -7.70 17.32
N SER A 99 -4.54 -7.91 16.37
CA SER A 99 -3.72 -6.85 15.81
C SER A 99 -4.39 -6.28 14.55
N PRO A 100 -3.93 -5.10 14.08
CA PRO A 100 -4.51 -4.51 12.86
C PRO A 100 -4.42 -5.41 11.64
N ALA A 101 -5.20 -5.09 10.60
CA ALA A 101 -5.03 -5.73 9.31
C ALA A 101 -3.63 -5.40 8.80
N ARG A 102 -2.95 -6.37 8.21
CA ARG A 102 -1.54 -6.18 7.90
C ARG A 102 -1.11 -6.80 6.58
N SER A 103 -0.21 -6.10 5.90
CA SER A 103 0.47 -6.64 4.73
C SER A 103 1.97 -6.51 4.93
N THR A 104 2.72 -7.55 4.57
CA THR A 104 4.16 -7.55 4.73
C THR A 104 4.84 -8.09 3.48
N TYR A 105 5.89 -7.41 3.02
CA TYR A 105 6.66 -7.86 1.87
C TYR A 105 8.05 -7.25 1.87
N GLN A 106 8.93 -7.84 1.06
CA GLN A 106 10.28 -7.31 0.92
C GLN A 106 10.39 -6.44 -0.33
N VAL A 107 10.88 -5.22 -0.16
CA VAL A 107 11.06 -4.31 -1.27
C VAL A 107 12.49 -4.40 -1.79
N ALA A 108 12.74 -3.74 -2.92
CA ALA A 108 14.08 -3.70 -3.49
C ALA A 108 15.00 -2.87 -2.61
N ALA A 109 14.49 -1.74 -2.13
CA ALA A 109 15.22 -0.87 -1.22
C ALA A 109 14.29 0.16 -0.60
N LEU A 110 14.70 0.70 0.54
CA LEU A 110 13.94 1.73 1.24
C LEU A 110 14.71 3.04 1.25
N PRO A 111 14.02 4.17 1.46
CA PRO A 111 14.71 5.46 1.56
C PRO A 111 15.81 5.44 2.61
N LEU A 112 16.96 6.05 2.29
CA LEU A 112 18.09 6.15 3.21
C LEU A 112 18.62 4.78 3.63
N ASN A 113 18.41 3.78 2.79
CA ASN A 113 18.87 2.42 3.03
C ASN A 113 18.34 1.82 4.34
N ALA A 114 17.12 2.20 4.71
CA ALA A 114 16.51 1.72 5.94
C ALA A 114 16.29 0.21 5.90
N LYS A 115 16.19 -0.40 7.07
CA LYS A 115 15.95 -1.84 7.15
C LYS A 115 14.46 -2.15 7.20
N ILE A 116 13.66 -1.16 7.60
CA ILE A 116 12.23 -1.36 7.74
C ILE A 116 11.45 -0.04 7.67
N GLU A 117 10.33 -0.07 6.96
CA GLU A 117 9.41 1.07 6.92
C GLU A 117 8.01 0.56 7.25
N ILE A 118 7.27 1.31 8.06
CA ILE A 118 5.90 0.90 8.36
C ILE A 118 4.92 2.06 8.19
N GLU A 119 3.89 1.85 7.38
CA GLU A 119 2.82 2.85 7.28
C GLU A 119 1.58 2.33 7.97
N CYS A 120 0.63 3.22 8.27
CA CYS A 120 -0.60 2.79 8.93
C CYS A 120 -1.77 3.76 8.81
N ILE A 121 -2.95 3.20 9.03
CA ILE A 121 -4.21 3.93 9.07
C ILE A 121 -4.91 3.61 10.38
N ALA A 122 -5.37 4.66 11.06
CA ALA A 122 -6.03 4.49 12.37
C ALA A 122 -7.34 5.28 12.46
N THR A 123 -8.13 5.01 13.49
CA THR A 123 -9.39 5.72 13.69
C THR A 123 -9.27 6.81 14.75
N LEU A 124 -10.11 7.84 14.65
CA LEU A 124 -10.14 8.93 15.62
C LEU A 124 -11.36 8.81 16.52
N SER B 17 -11.69 0.06 -12.27
CA SER B 17 -11.90 1.48 -12.47
C SER B 17 -10.68 2.29 -12.05
N GLN B 18 -10.60 3.54 -12.51
CA GLN B 18 -9.50 4.41 -12.15
C GLN B 18 -9.71 5.03 -10.77
N ALA B 19 -10.96 5.10 -10.36
CA ALA B 19 -11.30 5.68 -9.06
C ALA B 19 -12.63 5.14 -8.54
N ILE B 20 -12.65 4.77 -7.26
CA ILE B 20 -13.86 4.28 -6.63
C ILE B 20 -14.27 5.18 -5.48
N LYS B 21 -15.53 5.61 -5.49
CA LYS B 21 -16.05 6.49 -4.44
C LYS B 21 -16.68 5.70 -3.30
N ALA B 22 -16.26 6.01 -2.08
CA ALA B 22 -16.84 5.42 -0.88
C ALA B 22 -17.05 6.49 0.19
N ASN B 23 -18.30 6.92 0.35
CA ASN B 23 -18.67 7.98 1.28
C ASN B 23 -17.88 9.26 1.08
N ASN B 24 -17.14 9.64 2.13
CA ASN B 24 -16.34 10.86 2.12
C ASN B 24 -15.05 10.71 1.34
N LEU B 25 -14.74 9.49 0.95
CA LEU B 25 -13.45 9.16 0.36
C LEU B 25 -13.51 8.74 -1.11
N VAL B 26 -12.39 8.88 -1.80
CA VAL B 26 -12.22 8.33 -3.13
C VAL B 26 -10.84 7.68 -3.27
N PHE B 27 -10.83 6.47 -3.82
CA PHE B 27 -9.63 5.66 -3.96
C PHE B 27 -9.18 5.61 -5.41
N LEU B 28 -7.95 6.02 -5.69
CA LEU B 28 -7.44 5.99 -7.06
C LEU B 28 -6.56 4.77 -7.31
N SER B 29 -6.67 4.20 -8.50
CA SER B 29 -5.78 3.12 -8.92
C SER B 29 -4.37 3.66 -9.03
N GLY B 30 -3.38 2.76 -9.00
CA GLY B 30 -2.01 3.13 -9.24
C GLY B 30 -1.88 3.76 -10.61
N VAL B 31 -1.18 4.88 -10.70
CA VAL B 31 -1.12 5.63 -11.95
C VAL B 31 0.27 5.65 -12.58
N LEU B 32 0.32 5.28 -13.85
CA LEU B 32 1.55 5.29 -14.62
C LEU B 32 1.61 6.52 -15.52
N GLY B 33 2.81 6.89 -15.95
CA GLY B 33 2.98 8.09 -16.75
C GLY B 33 2.65 7.92 -18.21
N LEU B 34 1.40 7.58 -18.48
CA LEU B 34 0.95 7.33 -19.85
C LEU B 34 0.15 8.50 -20.41
N ILE B 35 0.30 8.74 -21.71
CA ILE B 35 -0.64 9.59 -22.42
C ILE B 35 -1.98 8.87 -22.34
N PRO B 36 -2.95 9.45 -21.62
CA PRO B 36 -4.20 8.75 -21.33
C PRO B 36 -4.93 8.26 -22.59
N GLU B 37 -4.94 9.08 -23.63
CA GLU B 37 -5.64 8.74 -24.87
C GLU B 37 -5.00 7.59 -25.64
N THR B 38 -3.68 7.50 -25.58
CA THR B 38 -2.95 6.54 -26.41
C THR B 38 -2.44 5.32 -25.64
N GLY B 39 -2.36 5.43 -24.32
CA GLY B 39 -1.92 4.34 -23.48
C GLY B 39 -0.41 4.10 -23.55
N LYS B 40 0.31 5.02 -24.18
CA LYS B 40 1.75 4.90 -24.31
C LYS B 40 2.48 5.89 -23.41
N PHE B 41 3.66 5.51 -22.96
CA PHE B 41 4.44 6.34 -22.05
C PHE B 41 4.76 7.70 -22.66
N VAL B 42 4.75 8.75 -21.84
CA VAL B 42 5.09 10.09 -22.31
C VAL B 42 6.55 10.13 -22.78
N SER B 43 7.42 9.48 -22.03
CA SER B 43 8.76 9.11 -22.48
C SER B 43 9.29 7.99 -21.61
N GLU B 44 10.58 7.73 -21.73
CA GLU B 44 11.24 6.71 -20.92
C GLU B 44 11.89 7.36 -19.69
N SER B 45 11.92 8.68 -19.67
CA SER B 45 12.43 9.44 -18.54
C SER B 45 11.57 9.28 -17.30
N VAL B 46 12.21 9.30 -16.13
CA VAL B 46 11.49 9.26 -14.86
C VAL B 46 10.90 10.64 -14.57
N GLU B 47 11.53 11.66 -15.14
CA GLU B 47 11.14 13.05 -14.96
C GLU B 47 9.78 13.30 -15.63
N ASP B 48 9.75 13.06 -16.94
CA ASP B 48 8.53 13.17 -17.72
C ASP B 48 7.41 12.29 -17.18
N GLN B 49 7.76 11.05 -16.83
CA GLN B 49 6.77 10.10 -16.34
C GLN B 49 6.21 10.54 -14.99
N THR B 50 7.04 11.11 -14.12
CA THR B 50 6.57 11.63 -12.85
C THR B 50 5.56 12.75 -13.09
N GLU B 51 5.98 13.73 -13.89
CA GLU B 51 5.12 14.86 -14.22
C GLU B 51 3.76 14.40 -14.79
N GLN B 52 3.83 13.45 -15.71
CA GLN B 52 2.65 12.92 -16.36
C GLN B 52 1.74 12.19 -15.38
N VAL B 53 2.33 11.35 -14.52
CA VAL B 53 1.59 10.67 -13.47
C VAL B 53 0.79 11.67 -12.67
N LEU B 54 1.46 12.75 -12.24
CA LEU B 54 0.79 13.77 -11.44
C LEU B 54 -0.34 14.47 -12.21
N LYS B 55 -0.13 14.74 -13.49
CA LYS B 55 -1.18 15.36 -14.31
C LYS B 55 -2.41 14.46 -14.43
N ASN B 56 -2.21 13.24 -14.91
CA ASN B 56 -3.27 12.24 -15.03
C ASN B 56 -4.03 12.10 -13.73
N MET B 57 -3.26 12.03 -12.65
CA MET B 57 -3.76 11.94 -11.30
C MET B 57 -4.70 13.11 -10.99
N GLY B 58 -4.29 14.31 -11.40
CA GLY B 58 -5.14 15.48 -11.26
C GLY B 58 -6.44 15.37 -12.03
N GLU B 59 -6.35 14.86 -13.26
CA GLU B 59 -7.54 14.65 -14.09
C GLU B 59 -8.53 13.72 -13.40
N ILE B 60 -8.02 12.60 -12.90
CA ILE B 60 -8.87 11.58 -12.28
C ILE B 60 -9.47 12.10 -10.97
N LEU B 61 -8.71 12.90 -10.23
CA LEU B 61 -9.23 13.51 -9.01
C LEU B 61 -10.34 14.50 -9.31
N LYS B 62 -10.12 15.36 -10.30
CA LYS B 62 -11.11 16.38 -10.64
C LYS B 62 -12.39 15.77 -11.22
N ALA B 63 -12.24 14.74 -12.04
CA ALA B 63 -13.40 14.06 -12.62
C ALA B 63 -14.22 13.37 -11.54
N SER B 64 -13.60 13.11 -10.39
CA SER B 64 -14.27 12.44 -9.29
C SER B 64 -14.86 13.44 -8.29
N GLY B 65 -14.64 14.73 -8.53
CA GLY B 65 -15.14 15.76 -7.63
C GLY B 65 -14.13 16.12 -6.54
N ALA B 66 -12.93 15.58 -6.67
CA ALA B 66 -11.85 15.88 -5.74
C ALA B 66 -10.79 16.76 -6.41
N ASP B 67 -9.69 17.00 -5.71
CA ASP B 67 -8.62 17.86 -6.22
C ASP B 67 -7.31 17.51 -5.53
N TYR B 68 -6.21 18.04 -6.05
CA TYR B 68 -4.88 17.83 -5.48
C TYR B 68 -4.85 18.12 -3.98
N SER B 69 -5.54 19.19 -3.58
CA SER B 69 -5.52 19.67 -2.20
C SER B 69 -6.39 18.83 -1.25
N SER B 70 -7.16 17.90 -1.80
CA SER B 70 -8.01 17.04 -0.98
C SER B 70 -7.42 15.64 -0.84
N VAL B 71 -6.24 15.42 -1.43
CA VAL B 71 -5.54 14.15 -1.31
C VAL B 71 -5.03 13.97 0.11
N VAL B 72 -5.32 12.82 0.71
CA VAL B 72 -4.91 12.58 2.09
C VAL B 72 -3.79 11.56 2.20
N LYS B 73 -3.64 10.68 1.21
CA LYS B 73 -2.55 9.70 1.28
C LYS B 73 -2.02 9.31 -0.09
N THR B 74 -0.70 9.24 -0.22
CA THR B 74 -0.09 8.78 -1.47
C THR B 74 0.89 7.64 -1.23
N THR B 75 1.11 6.82 -2.25
CA THR B 75 2.17 5.84 -2.23
C THR B 75 2.95 5.91 -3.53
N ILE B 76 4.25 6.16 -3.40
CA ILE B 76 5.14 6.27 -4.54
C ILE B 76 6.03 5.04 -4.68
N MET B 77 5.75 4.25 -5.71
CA MET B 77 6.53 3.07 -6.02
C MET B 77 7.52 3.39 -7.13
N LEU B 78 8.81 3.27 -6.82
CA LEU B 78 9.87 3.64 -7.77
C LEU B 78 10.61 2.42 -8.29
N ALA B 79 11.06 2.49 -9.54
CA ALA B 79 11.88 1.44 -10.13
C ALA B 79 13.32 1.62 -9.69
N ASP B 80 13.73 2.88 -9.55
CA ASP B 80 15.08 3.21 -9.09
C ASP B 80 14.99 4.32 -8.06
N LEU B 81 15.42 4.03 -6.84
CA LEU B 81 15.26 4.96 -5.74
C LEU B 81 16.23 6.14 -5.87
N ALA B 82 17.22 6.00 -6.74
CA ALA B 82 18.16 7.09 -7.00
C ALA B 82 17.46 8.30 -7.62
N ASP B 83 16.32 8.05 -8.24
CA ASP B 83 15.52 9.11 -8.87
C ASP B 83 14.82 9.96 -7.81
N PHE B 84 14.75 9.42 -6.60
CA PHE B 84 13.99 10.00 -5.48
C PHE B 84 13.99 11.51 -5.50
N LYS B 85 15.17 12.07 -5.29
CA LYS B 85 15.42 13.50 -5.31
C LYS B 85 14.53 14.20 -6.33
N THR B 86 14.80 13.98 -7.62
CA THR B 86 14.10 14.70 -8.68
C THR B 86 12.60 14.45 -8.61
N VAL B 87 12.22 13.20 -8.38
CA VAL B 87 10.82 12.85 -8.26
C VAL B 87 10.19 13.76 -7.23
N ASN B 88 10.82 13.80 -6.06
CA ASN B 88 10.27 14.53 -4.93
C ASN B 88 10.21 16.01 -5.27
N GLU B 89 11.13 16.47 -6.13
CA GLU B 89 11.08 17.86 -6.56
C GLU B 89 9.78 18.08 -7.32
N ILE B 90 9.57 17.26 -8.35
CA ILE B 90 8.39 17.38 -9.19
C ILE B 90 7.14 17.23 -8.33
N TYR B 91 7.12 16.16 -7.55
CA TYR B 91 6.04 15.89 -6.60
C TYR B 91 5.72 17.13 -5.77
N ALA B 92 6.76 17.80 -5.30
CA ALA B 92 6.59 18.94 -4.40
C ALA B 92 5.82 20.06 -5.05
N LYS B 93 5.95 20.18 -6.37
CA LYS B 93 5.25 21.23 -7.09
C LYS B 93 3.74 20.96 -7.18
N TYR B 94 3.35 19.70 -7.11
CA TYR B 94 1.93 19.36 -7.19
C TYR B 94 1.31 19.20 -5.80
N PHE B 95 2.13 18.76 -4.85
CA PHE B 95 1.69 18.64 -3.47
C PHE B 95 2.61 19.46 -2.55
N PRO B 96 2.46 20.80 -2.60
CA PRO B 96 3.32 21.64 -1.75
C PRO B 96 2.98 21.46 -0.27
N ALA B 97 3.96 21.69 0.59
CA ALA B 97 3.75 21.60 2.03
C ALA B 97 2.65 22.55 2.48
N PRO B 98 1.72 22.07 3.33
CA PRO B 98 1.67 20.72 3.87
C PRO B 98 1.14 19.68 2.87
N SER B 99 1.93 18.64 2.64
CA SER B 99 1.63 17.62 1.64
C SER B 99 0.94 16.40 2.27
N PRO B 100 0.30 15.55 1.45
CA PRO B 100 -0.36 14.35 1.96
C PRO B 100 0.57 13.41 2.72
N ALA B 101 0.00 12.50 3.51
CA ALA B 101 0.77 11.43 4.12
C ALA B 101 1.33 10.57 3.00
N ARG B 102 2.56 10.11 3.14
CA ARG B 102 3.22 9.45 2.01
C ARG B 102 4.15 8.30 2.42
N SER B 103 4.13 7.25 1.61
CA SER B 103 5.11 6.18 1.72
C SER B 103 5.86 6.06 0.40
N THR B 104 7.16 5.79 0.48
CA THR B 104 7.97 5.64 -0.72
C THR B 104 8.94 4.48 -0.57
N TYR B 105 9.05 3.68 -1.62
CA TYR B 105 9.98 2.56 -1.64
C TYR B 105 10.30 2.16 -3.07
N GLN B 106 11.35 1.36 -3.24
CA GLN B 106 11.70 0.84 -4.54
C GLN B 106 11.20 -0.59 -4.69
N VAL B 107 10.49 -0.85 -5.78
CA VAL B 107 9.98 -2.18 -6.05
C VAL B 107 10.94 -2.92 -6.97
N ALA B 108 10.70 -4.22 -7.14
CA ALA B 108 11.50 -5.02 -8.05
C ALA B 108 11.22 -4.59 -9.48
N ALA B 109 9.95 -4.35 -9.79
CA ALA B 109 9.54 -3.89 -11.12
C ALA B 109 8.12 -3.33 -11.11
N LEU B 110 7.81 -2.51 -12.10
CA LEU B 110 6.48 -1.94 -12.26
C LEU B 110 5.87 -2.43 -13.57
N PRO B 111 4.53 -2.36 -13.69
CA PRO B 111 3.88 -2.74 -14.95
C PRO B 111 4.41 -1.96 -16.14
N LEU B 112 4.59 -2.64 -17.27
CA LEU B 112 5.09 -2.04 -18.51
C LEU B 112 6.47 -1.41 -18.32
N ASN B 113 7.22 -1.92 -17.35
CA ASN B 113 8.57 -1.43 -17.05
C ASN B 113 8.60 0.06 -16.77
N ALA B 114 7.58 0.56 -16.09
CA ALA B 114 7.49 1.98 -15.75
C ALA B 114 8.58 2.39 -14.78
N LYS B 115 8.88 3.68 -14.74
CA LYS B 115 9.88 4.21 -13.82
C LYS B 115 9.25 4.61 -12.48
N ILE B 116 7.95 4.85 -12.50
CA ILE B 116 7.26 5.33 -11.31
C ILE B 116 5.76 5.03 -11.37
N GLU B 117 5.21 4.59 -10.24
CA GLU B 117 3.77 4.42 -10.09
C GLU B 117 3.33 5.15 -8.83
N ILE B 118 2.21 5.85 -8.88
CA ILE B 118 1.71 6.54 -7.69
C ILE B 118 0.24 6.26 -7.46
N GLU B 119 -0.10 5.75 -6.27
CA GLU B 119 -1.49 5.58 -5.91
C GLU B 119 -1.88 6.61 -4.86
N CYS B 120 -3.18 6.85 -4.70
CA CYS B 120 -3.62 7.82 -3.70
C CYS B 120 -5.05 7.68 -3.23
N ILE B 121 -5.31 8.28 -2.08
CA ILE B 121 -6.64 8.38 -1.49
C ILE B 121 -6.92 9.85 -1.18
N ALA B 122 -8.09 10.32 -1.58
CA ALA B 122 -8.48 11.71 -1.37
C ALA B 122 -9.87 11.81 -0.73
N THR B 123 -10.26 13.02 -0.33
CA THR B 123 -11.58 13.25 0.25
C THR B 123 -12.51 13.96 -0.73
N LEU B 124 -13.81 13.80 -0.51
CA LEU B 124 -14.82 14.44 -1.34
C LEU B 124 -15.49 15.59 -0.59
N SER C 17 -5.25 -9.22 12.83
CA SER C 17 -6.41 -10.00 12.43
C SER C 17 -6.52 -10.06 10.91
N GLN C 18 -7.40 -10.93 10.42
CA GLN C 18 -7.60 -11.08 8.98
C GLN C 18 -8.36 -9.88 8.41
N ALA C 19 -9.20 -9.26 9.24
CA ALA C 19 -9.99 -8.11 8.80
C ALA C 19 -10.36 -7.21 9.96
N ILE C 20 -10.37 -5.89 9.72
CA ILE C 20 -10.76 -4.93 10.74
C ILE C 20 -11.82 -3.97 10.22
N LYS C 21 -12.92 -3.88 10.95
CA LYS C 21 -14.03 -2.98 10.59
C LYS C 21 -13.84 -1.60 11.19
N ALA C 22 -13.81 -0.58 10.34
CA ALA C 22 -13.81 0.79 10.81
C ALA C 22 -14.90 1.57 10.08
N ASN C 23 -16.01 1.83 10.76
CA ASN C 23 -17.11 2.64 10.23
C ASN C 23 -17.75 2.00 9.01
N ASN C 24 -17.69 2.67 7.86
CA ASN C 24 -18.21 2.11 6.63
C ASN C 24 -17.28 1.06 6.02
N LEU C 25 -16.01 1.11 6.42
CA LEU C 25 -14.98 0.35 5.72
C LEU C 25 -14.56 -0.92 6.46
N VAL C 26 -14.00 -1.86 5.69
CA VAL C 26 -13.32 -3.02 6.25
C VAL C 26 -11.98 -3.21 5.54
N PHE C 27 -10.94 -3.38 6.35
CA PHE C 27 -9.58 -3.52 5.86
C PHE C 27 -9.14 -4.97 5.99
N LEU C 28 -8.73 -5.58 4.88
CA LEU C 28 -8.26 -6.96 4.93
C LEU C 28 -6.74 -7.04 4.90
N SER C 29 -6.20 -7.97 5.67
CA SER C 29 -4.77 -8.25 5.64
C SER C 29 -4.38 -8.77 4.26
N GLY C 30 -3.09 -8.68 3.93
CA GLY C 30 -2.59 -9.25 2.70
C GLY C 30 -2.84 -10.74 2.71
N VAL C 31 -3.46 -11.26 1.66
CA VAL C 31 -3.87 -12.66 1.63
C VAL C 31 -2.97 -13.52 0.76
N LEU C 32 -2.50 -14.62 1.34
CA LEU C 32 -1.67 -15.59 0.61
C LEU C 32 -2.51 -16.78 0.19
N GLY C 33 -2.07 -17.50 -0.83
CA GLY C 33 -2.83 -18.62 -1.37
C GLY C 33 -2.72 -19.90 -0.56
N LEU C 34 -3.19 -19.84 0.68
CA LEU C 34 -3.12 -20.98 1.57
C LEU C 34 -4.47 -21.67 1.71
N ILE C 35 -4.45 -22.98 1.95
CA ILE C 35 -5.67 -23.67 2.36
C ILE C 35 -6.01 -23.19 3.76
N PRO C 36 -7.21 -22.59 3.92
CA PRO C 36 -7.66 -22.03 5.20
C PRO C 36 -7.41 -22.97 6.37
N GLU C 37 -7.65 -24.25 6.16
CA GLU C 37 -7.57 -25.25 7.22
C GLU C 37 -6.14 -25.63 7.61
N THR C 38 -5.26 -25.74 6.62
CA THR C 38 -3.94 -26.33 6.84
C THR C 38 -2.79 -25.34 7.01
N GLY C 39 -2.93 -24.15 6.43
CA GLY C 39 -1.90 -23.13 6.51
C GLY C 39 -0.79 -23.37 5.50
N LYS C 40 -1.01 -24.32 4.60
CA LYS C 40 -0.06 -24.60 3.53
C LYS C 40 -0.60 -24.13 2.19
N PHE C 41 0.30 -23.87 1.24
CA PHE C 41 -0.11 -23.39 -0.08
C PHE C 41 -0.93 -24.46 -0.80
N VAL C 42 -1.84 -24.01 -1.66
CA VAL C 42 -2.67 -24.93 -2.45
C VAL C 42 -1.82 -25.68 -3.49
N SER C 43 -0.84 -24.97 -4.05
CA SER C 43 0.20 -25.55 -4.88
C SER C 43 1.31 -24.52 -5.04
N GLU C 44 2.25 -24.77 -5.94
CA GLU C 44 3.32 -23.80 -6.18
C GLU C 44 2.98 -22.82 -7.31
N SER C 45 1.96 -23.17 -8.10
CA SER C 45 1.61 -22.38 -9.26
C SER C 45 1.01 -21.04 -8.86
N VAL C 46 1.30 -20.01 -9.64
CA VAL C 46 0.73 -18.70 -9.44
C VAL C 46 -0.77 -18.72 -9.75
N GLU C 47 -1.18 -19.65 -10.59
CA GLU C 47 -2.58 -19.79 -10.98
C GLU C 47 -3.44 -20.26 -9.79
N ASP C 48 -3.09 -21.42 -9.25
CA ASP C 48 -3.82 -21.97 -8.10
C ASP C 48 -3.75 -21.04 -6.90
N GLN C 49 -2.57 -20.46 -6.67
CA GLN C 49 -2.38 -19.56 -5.55
C GLN C 49 -3.23 -18.31 -5.69
N THR C 50 -3.31 -17.77 -6.91
CA THR C 50 -4.15 -16.60 -7.16
C THR C 50 -5.62 -16.93 -6.92
N GLU C 51 -6.08 -18.02 -7.51
CA GLU C 51 -7.45 -18.48 -7.33
C GLU C 51 -7.79 -18.62 -5.84
N GLN C 52 -6.90 -19.28 -5.12
CA GLN C 52 -7.09 -19.51 -3.70
C GLN C 52 -7.11 -18.20 -2.91
N VAL C 53 -6.25 -17.26 -3.30
CA VAL C 53 -6.21 -15.94 -2.68
C VAL C 53 -7.57 -15.26 -2.82
N LEU C 54 -8.12 -15.31 -4.02
CA LEU C 54 -9.42 -14.67 -4.27
C LEU C 54 -10.56 -15.37 -3.52
N LYS C 55 -10.50 -16.70 -3.43
CA LYS C 55 -11.51 -17.45 -2.69
C LYS C 55 -11.47 -17.10 -1.20
N ASN C 56 -10.29 -17.19 -0.61
CA ASN C 56 -10.08 -16.81 0.79
C ASN C 56 -10.57 -15.40 1.05
N MET C 57 -10.19 -14.48 0.17
CA MET C 57 -10.61 -13.09 0.26
C MET C 57 -12.12 -12.99 0.27
N GLY C 58 -12.78 -13.80 -0.55
CA GLY C 58 -14.23 -13.84 -0.57
C GLY C 58 -14.80 -14.29 0.77
N GLU C 59 -14.21 -15.34 1.33
CA GLU C 59 -14.62 -15.85 2.64
C GLU C 59 -14.54 -14.76 3.72
N ILE C 60 -13.37 -14.12 3.77
CA ILE C 60 -13.11 -13.10 4.79
C ILE C 60 -14.03 -11.89 4.60
N LEU C 61 -14.25 -11.49 3.36
CA LEU C 61 -15.13 -10.37 3.05
C LEU C 61 -16.56 -10.66 3.49
N LYS C 62 -17.06 -11.85 3.15
CA LYS C 62 -18.43 -12.20 3.48
C LYS C 62 -18.63 -12.40 4.98
N ALA C 63 -17.60 -12.88 5.66
CA ALA C 63 -17.67 -13.03 7.11
C ALA C 63 -17.82 -11.67 7.77
N SER C 64 -17.26 -10.65 7.13
CA SER C 64 -17.32 -9.29 7.64
C SER C 64 -18.60 -8.58 7.22
N GLY C 65 -19.40 -9.25 6.39
CA GLY C 65 -20.63 -8.65 5.91
C GLY C 65 -20.41 -7.82 4.67
N ALA C 66 -19.31 -8.09 3.98
CA ALA C 66 -19.03 -7.48 2.69
C ALA C 66 -19.06 -8.56 1.62
N ASP C 67 -18.76 -8.19 0.38
CA ASP C 67 -18.63 -9.17 -0.69
C ASP C 67 -17.72 -8.61 -1.77
N TYR C 68 -17.44 -9.40 -2.80
CA TYR C 68 -16.56 -8.99 -3.89
C TYR C 68 -16.98 -7.66 -4.51
N SER C 69 -18.29 -7.42 -4.56
CA SER C 69 -18.83 -6.25 -5.23
C SER C 69 -18.76 -4.98 -4.39
N SER C 70 -18.47 -5.12 -3.10
CA SER C 70 -18.37 -3.95 -2.22
C SER C 70 -16.91 -3.56 -1.98
N VAL C 71 -16.00 -4.27 -2.64
CA VAL C 71 -14.57 -3.95 -2.55
C VAL C 71 -14.27 -2.68 -3.32
N VAL C 72 -13.59 -1.74 -2.67
CA VAL C 72 -13.31 -0.45 -3.30
C VAL C 72 -11.85 -0.29 -3.70
N LYS C 73 -10.95 -1.02 -3.06
CA LYS C 73 -9.53 -0.90 -3.40
C LYS C 73 -8.77 -2.21 -3.23
N THR C 74 -7.88 -2.51 -4.16
CA THR C 74 -7.03 -3.69 -4.03
C THR C 74 -5.56 -3.35 -4.30
N THR C 75 -4.66 -4.15 -3.72
CA THR C 75 -3.25 -4.08 -4.06
C THR C 75 -2.73 -5.49 -4.30
N ILE C 76 -2.13 -5.69 -5.46
CA ILE C 76 -1.58 -6.98 -5.84
C ILE C 76 -0.06 -6.94 -5.87
N MET C 77 0.56 -7.63 -4.93
CA MET C 77 2.00 -7.77 -4.86
C MET C 77 2.42 -9.11 -5.46
N LEU C 78 3.31 -9.06 -6.45
CA LEU C 78 3.68 -10.26 -7.19
C LEU C 78 5.15 -10.64 -6.99
N ALA C 79 5.42 -11.94 -6.95
CA ALA C 79 6.78 -12.44 -6.90
C ALA C 79 7.42 -12.29 -8.27
N ASP C 80 6.66 -12.63 -9.31
CA ASP C 80 7.09 -12.44 -10.68
C ASP C 80 6.00 -11.71 -11.47
N LEU C 81 6.36 -10.57 -12.05
CA LEU C 81 5.39 -9.72 -12.76
C LEU C 81 5.03 -10.33 -14.10
N ALA C 82 5.81 -11.32 -14.53
CA ALA C 82 5.54 -12.00 -15.78
C ALA C 82 4.22 -12.77 -15.70
N ASP C 83 3.76 -13.03 -14.48
CA ASP C 83 2.51 -13.75 -14.27
C ASP C 83 1.30 -12.81 -14.41
N PHE C 84 1.61 -11.52 -14.53
CA PHE C 84 0.61 -10.45 -14.53
C PHE C 84 -0.64 -10.75 -15.34
N LYS C 85 -0.42 -11.21 -16.56
CA LYS C 85 -1.53 -11.51 -17.45
C LYS C 85 -2.44 -12.57 -16.84
N THR C 86 -1.90 -13.75 -16.54
CA THR C 86 -2.77 -14.85 -16.10
C THR C 86 -3.45 -14.49 -14.77
N VAL C 87 -2.68 -13.96 -13.83
CA VAL C 87 -3.23 -13.44 -12.57
C VAL C 87 -4.43 -12.57 -12.88
N ASN C 88 -4.23 -11.61 -13.78
CA ASN C 88 -5.27 -10.66 -14.12
C ASN C 88 -6.50 -11.42 -14.61
N GLU C 89 -6.29 -12.37 -15.52
CA GLU C 89 -7.39 -13.14 -16.10
C GLU C 89 -8.18 -13.87 -15.03
N ILE C 90 -7.51 -14.25 -13.95
CA ILE C 90 -8.19 -14.89 -12.83
C ILE C 90 -8.91 -13.81 -12.04
N TYR C 91 -8.17 -12.75 -11.72
CA TYR C 91 -8.68 -11.63 -10.94
C TYR C 91 -9.98 -11.08 -11.53
N ALA C 92 -10.00 -10.91 -12.85
CA ALA C 92 -11.13 -10.34 -13.56
C ALA C 92 -12.40 -11.18 -13.40
N LYS C 93 -12.25 -12.47 -13.12
CA LYS C 93 -13.40 -13.33 -12.95
C LYS C 93 -14.08 -13.05 -11.61
N TYR C 94 -13.31 -12.59 -10.64
CA TYR C 94 -13.86 -12.28 -9.32
C TYR C 94 -14.20 -10.80 -9.22
N PHE C 95 -13.39 -9.96 -9.86
CA PHE C 95 -13.65 -8.53 -9.90
C PHE C 95 -13.81 -8.06 -11.35
N PRO C 96 -14.99 -8.29 -11.94
CA PRO C 96 -15.23 -7.85 -13.32
C PRO C 96 -15.53 -6.36 -13.39
N ALA C 97 -15.28 -5.77 -14.55
CA ALA C 97 -15.52 -4.34 -14.76
C ALA C 97 -16.99 -4.00 -14.51
N PRO C 98 -17.24 -2.90 -13.76
CA PRO C 98 -16.24 -2.03 -13.15
C PRO C 98 -15.60 -2.63 -11.89
N SER C 99 -14.28 -2.73 -11.91
CA SER C 99 -13.51 -3.37 -10.83
C SER C 99 -13.00 -2.33 -9.84
N PRO C 100 -12.58 -2.77 -8.64
CA PRO C 100 -12.06 -1.82 -7.63
C PRO C 100 -10.83 -1.05 -8.12
N ALA C 101 -10.47 0.00 -7.39
CA ALA C 101 -9.21 0.69 -7.64
C ALA C 101 -8.09 -0.29 -7.36
N ARG C 102 -7.06 -0.27 -8.20
CA ARG C 102 -6.01 -1.29 -8.10
C ARG C 102 -4.60 -0.75 -8.33
N SER C 103 -3.66 -1.30 -7.58
CA SER C 103 -2.23 -1.09 -7.83
C SER C 103 -1.54 -2.44 -7.90
N THR C 104 -0.54 -2.55 -8.78
CA THR C 104 0.17 -3.82 -8.96
C THR C 104 1.66 -3.57 -9.16
N TYR C 105 2.48 -4.36 -8.49
CA TYR C 105 3.93 -4.26 -8.64
C TYR C 105 4.61 -5.53 -8.22
N GLN C 106 5.90 -5.60 -8.51
CA GLN C 106 6.69 -6.79 -8.28
C GLN C 106 7.42 -6.51 -6.99
N VAL C 107 7.44 -7.43 -6.03
CA VAL C 107 8.24 -7.19 -4.83
C VAL C 107 9.51 -8.04 -4.87
N ALA C 108 10.44 -7.75 -3.96
CA ALA C 108 11.66 -8.57 -3.91
C ALA C 108 11.30 -10.00 -3.51
N ALA C 109 10.40 -10.12 -2.54
CA ALA C 109 9.94 -11.41 -2.06
C ALA C 109 8.68 -11.27 -1.21
N LEU C 110 7.92 -12.35 -1.11
CA LEU C 110 6.71 -12.40 -0.29
C LEU C 110 6.91 -13.36 0.88
N PRO C 111 6.10 -13.22 1.94
CA PRO C 111 6.17 -14.17 3.06
C PRO C 111 5.96 -15.61 2.60
N LEU C 112 6.73 -16.53 3.16
CA LEU C 112 6.64 -17.96 2.84
C LEU C 112 6.92 -18.23 1.36
N ASN C 113 7.68 -17.35 0.72
CA ASN C 113 8.04 -17.48 -0.69
C ASN C 113 6.83 -17.62 -1.61
N ALA C 114 5.74 -16.93 -1.27
CA ALA C 114 4.52 -16.98 -2.05
C ALA C 114 4.72 -16.38 -3.44
N LYS C 115 3.80 -16.68 -4.34
CA LYS C 115 3.85 -16.15 -5.69
C LYS C 115 3.05 -14.86 -5.81
N ILE C 116 2.05 -14.72 -4.94
CA ILE C 116 1.14 -13.59 -5.01
C ILE C 116 0.54 -13.26 -3.64
N GLU C 117 0.39 -11.97 -3.37
CA GLU C 117 -0.31 -11.52 -2.17
C GLU C 117 -1.25 -10.38 -2.55
N ILE C 118 -2.48 -10.43 -2.06
CA ILE C 118 -3.43 -9.36 -2.37
C ILE C 118 -4.09 -8.80 -1.11
N GLU C 119 -4.00 -7.47 -0.95
CA GLU C 119 -4.70 -6.81 0.14
C GLU C 119 -5.87 -6.03 -0.43
N CYS C 120 -6.83 -5.68 0.42
CA CYS C 120 -7.99 -4.93 -0.08
C CYS C 120 -8.76 -4.16 0.99
N ILE C 121 -9.53 -3.19 0.52
CA ILE C 121 -10.44 -2.39 1.34
C ILE C 121 -11.83 -2.43 0.71
N ALA C 122 -12.84 -2.68 1.53
CA ALA C 122 -14.22 -2.76 1.05
C ALA C 122 -15.18 -1.94 1.90
N THR C 123 -16.41 -1.79 1.44
CA THR C 123 -17.44 -1.06 2.20
C THR C 123 -18.44 -2.02 2.82
N LEU C 124 -19.13 -1.54 3.86
CA LEU C 124 -20.10 -2.36 4.58
C LEU C 124 -21.53 -1.89 4.30
#